data_3PXL
#
_entry.id   3PXL
#
_cell.length_a   52.653
_cell.length_b   77.051
_cell.length_c   130.216
_cell.angle_alpha   90.00
_cell.angle_beta   90.00
_cell.angle_gamma   90.00
#
_symmetry.space_group_name_H-M   'P 21 21 21'
#
loop_
_entity.id
_entity.type
_entity.pdbx_description
1 polymer Laccase
2 branched alpha-D-mannopyranose-(1-3)-[alpha-D-mannopyranose-(1-6)]alpha-D-mannopyranose-(1-6)-[alpha-D-mannopyranose-(1-3)]beta-D-mannopyranose-(1-4)-2-acetamido-2-deoxy-beta-D-glucopyranose-(1-4)-2-acetamido-2-deoxy-beta-D-glucopyranose
3 branched beta-D-mannopyranose-(1-4)-2-acetamido-2-deoxy-beta-D-glucopyranose-(1-4)-2-acetamido-2-deoxy-beta-D-glucopyranose
4 branched 2-acetamido-2-deoxy-beta-D-glucopyranose-(1-4)-2-acetamido-2-deoxy-beta-D-glucopyranose
5 non-polymer 'COPPER (II) ION'
6 non-polymer 2-acetamido-2-deoxy-beta-D-glucopyranose
7 water water
#
_entity_poly.entity_id   1
_entity_poly.type   'polypeptide(L)'
_entity_poly.pdbx_seq_one_letter_code
;AVGPVADLTITDAAVSPDGFSRQAVVVNGVTPGPLVAGNIGDRFQLNVIDNLTNHTMLKSTSIHWHGFFQHGTNWADGPA
FINQCPISPGHSFLYDFQVPDQAGTFWYHSHLSTQYCDGLRGPFVVYDPNDPHASRYDVDNDDTVITLADWYHTAAKLGP
RFPGGADATLINGKGRAPSDSVAELSVIKVTKGKRYRFRLVSLSCNPNHTFSIDGHNLTIIEVDSVNSQPLEVDSIQIFA
AQRYSFVLDANQAVDNYWIRANPNFGNVGFDGGINSAILRYDGAPAVEPTTNQTTSVKPLNEVDLHPLVSTPVPGAPSSG
GVDKAINMAFNFNGSNFFINGASFVPPTVPVLLQILSGAQTAQDLLPSGSVYVLPSNASIEISFPATAAAPGAPHPFHLH
GHTFAVVRSAGSTVYNYDNPIFRDVVSTGTPAAGDNVTIRFDTNNPGPWFLHCHIDFHLEGGFAVVMAEDTPDVKAVNPV
PQAWSDLCPTYDALDPNDQ
;
_entity_poly.pdbx_strand_id   A
#
# COMPACT_ATOMS: atom_id res chain seq x y z
N ALA A 1 16.17 -11.80 -0.72
CA ALA A 1 15.86 -10.35 -0.74
C ALA A 1 16.99 -9.58 -1.40
N VAL A 2 16.68 -8.37 -1.82
CA VAL A 2 17.70 -7.43 -2.29
C VAL A 2 17.68 -6.17 -1.41
N GLY A 3 18.75 -5.39 -1.47
CA GLY A 3 18.88 -4.20 -0.63
C GLY A 3 19.72 -4.42 0.61
N PRO A 4 19.97 -3.35 1.38
CA PRO A 4 19.43 -2.00 1.17
C PRO A 4 20.01 -1.20 0.04
N VAL A 5 21.19 -1.60 -0.44
CA VAL A 5 21.79 -1.00 -1.60
C VAL A 5 21.64 -1.98 -2.76
N ALA A 6 20.85 -1.58 -3.76
CA ALA A 6 20.54 -2.48 -4.84
C ALA A 6 20.06 -1.78 -6.07
N ASP A 7 20.21 -2.44 -7.22
CA ASP A 7 19.59 -2.04 -8.44
C ASP A 7 18.25 -2.70 -8.56
N LEU A 8 17.25 -1.92 -8.97
CA LEU A 8 15.96 -2.47 -9.34
C LEU A 8 15.73 -2.10 -10.79
N THR A 9 15.81 -3.08 -11.67
CA THR A 9 15.71 -2.85 -13.09
C THR A 9 14.30 -3.12 -13.57
N ILE A 10 13.73 -2.10 -14.19
CA ILE A 10 12.32 -2.13 -14.60
C ILE A 10 12.25 -2.39 -16.08
N THR A 11 11.53 -3.45 -16.46
CA THR A 11 11.35 -3.79 -17.87
C THR A 11 9.92 -4.22 -18.14
N ASP A 12 9.59 -4.34 -19.40
CA ASP A 12 8.39 -5.00 -19.84
C ASP A 12 8.73 -6.44 -20.18
N ALA A 13 7.91 -7.39 -19.72
CA ALA A 13 8.15 -8.79 -20.03
C ALA A 13 6.87 -9.60 -20.01
N ALA A 14 6.86 -10.75 -20.68
CA ALA A 14 5.73 -11.64 -20.62
C ALA A 14 5.74 -12.41 -19.32
N VAL A 15 4.60 -12.45 -18.68
CA VAL A 15 4.38 -13.25 -17.48
C VAL A 15 3.10 -14.05 -17.60
N SER A 16 3.00 -15.08 -16.79
CA SER A 16 1.83 -15.96 -16.77
C SER A 16 1.54 -16.48 -15.34
N PRO A 17 1.15 -15.59 -14.43
CA PRO A 17 0.95 -15.98 -13.04
C PRO A 17 -0.24 -16.91 -12.81
N ASP A 18 -1.18 -16.93 -13.74
CA ASP A 18 -2.41 -17.73 -13.68
C ASP A 18 -2.54 -18.56 -14.94
N GLY A 19 -1.44 -18.78 -15.65
CA GLY A 19 -1.49 -19.56 -16.90
C GLY A 19 -1.80 -18.74 -18.13
N PHE A 20 -2.15 -17.46 -17.99
CA PHE A 20 -2.53 -16.62 -19.14
C PHE A 20 -1.35 -15.68 -19.37
N SER A 21 -0.68 -15.77 -20.51
CA SER A 21 0.44 -14.92 -20.78
C SER A 21 0.04 -13.52 -21.20
N ARG A 22 0.67 -12.54 -20.58
CA ARG A 22 0.49 -11.15 -20.99
C ARG A 22 1.75 -10.37 -20.70
N GLN A 23 1.93 -9.29 -21.44
CA GLN A 23 2.98 -8.32 -21.15
C GLN A 23 2.69 -7.60 -19.83
N ALA A 24 3.71 -7.38 -19.01
CA ALA A 24 3.58 -6.75 -17.72
C ALA A 24 4.83 -5.96 -17.49
N VAL A 25 4.75 -5.07 -16.52
CA VAL A 25 5.87 -4.34 -16.01
C VAL A 25 6.45 -5.14 -14.84
N VAL A 26 7.73 -5.48 -14.92
CA VAL A 26 8.40 -6.37 -14.00
C VAL A 26 9.64 -5.69 -13.40
N VAL A 27 10.07 -6.21 -12.26
CA VAL A 27 11.17 -5.66 -11.49
C VAL A 27 12.18 -6.79 -11.29
N ASN A 28 13.39 -6.60 -11.82
CA ASN A 28 14.38 -7.67 -11.82
C ASN A 28 13.77 -8.93 -12.39
N GLY A 29 13.01 -8.76 -13.46
CA GLY A 29 12.46 -9.85 -14.19
C GLY A 29 11.18 -10.48 -13.71
N VAL A 30 10.66 -10.04 -12.55
CA VAL A 30 9.51 -10.70 -11.94
C VAL A 30 8.43 -9.75 -11.51
N THR A 31 7.20 -10.26 -11.48
CA THR A 31 6.14 -9.52 -10.79
C THR A 31 5.32 -10.54 -9.99
N PRO A 32 4.98 -10.22 -8.73
CA PRO A 32 5.46 -9.10 -7.92
C PRO A 32 6.98 -9.08 -7.93
N GLY A 33 7.50 -7.90 -7.71
CA GLY A 33 8.92 -7.69 -7.65
C GLY A 33 9.55 -8.38 -6.47
N PRO A 34 10.86 -8.46 -6.47
CA PRO A 34 11.58 -9.12 -5.39
C PRO A 34 11.37 -8.37 -4.09
N LEU A 35 11.51 -9.10 -3.00
CA LEU A 35 11.53 -8.52 -1.67
C LEU A 35 12.75 -7.62 -1.53
N VAL A 36 12.50 -6.39 -1.18
CA VAL A 36 13.52 -5.47 -0.72
C VAL A 36 13.54 -5.51 0.79
N ALA A 37 14.73 -5.58 1.38
CA ALA A 37 14.83 -5.63 2.80
C ALA A 37 16.03 -4.92 3.39
N GLY A 38 15.91 -4.55 4.64
CA GLY A 38 16.99 -4.03 5.44
C GLY A 38 16.56 -4.04 6.89
N ASN A 39 17.27 -3.24 7.68
CA ASN A 39 17.10 -3.20 9.14
C ASN A 39 16.88 -1.79 9.55
N ILE A 40 16.24 -1.63 10.69
CA ILE A 40 15.98 -0.28 11.18
C ILE A 40 17.34 0.43 11.35
N GLY A 41 17.41 1.69 10.95
CA GLY A 41 18.65 2.45 10.97
C GLY A 41 19.37 2.47 9.64
N ASP A 42 18.98 1.62 8.72
CA ASP A 42 19.66 1.54 7.43
C ASP A 42 19.40 2.72 6.53
N ARG A 43 20.40 3.00 5.71
CA ARG A 43 20.26 3.85 4.54
C ARG A 43 20.04 2.91 3.36
N PHE A 44 18.96 3.20 2.64
CA PHE A 44 18.60 2.48 1.42
C PHE A 44 19.07 3.31 0.24
N GLN A 45 19.73 2.64 -0.71
CA GLN A 45 20.14 3.27 -1.95
C GLN A 45 19.65 2.36 -3.02
N LEU A 46 18.46 2.65 -3.52
CA LEU A 46 17.77 1.80 -4.44
C LEU A 46 17.78 2.48 -5.79
N ASN A 47 18.60 1.94 -6.67
CA ASN A 47 18.88 2.54 -7.97
C ASN A 47 17.90 1.96 -8.96
N VAL A 48 16.92 2.75 -9.32
CA VAL A 48 15.85 2.30 -10.20
C VAL A 48 16.26 2.57 -11.63
N ILE A 49 16.44 1.51 -12.39
CA ILE A 49 16.94 1.56 -13.75
C ILE A 49 15.74 1.36 -14.66
N ASP A 50 15.34 2.41 -15.38
CA ASP A 50 14.16 2.34 -16.22
C ASP A 50 14.53 1.88 -17.60
N ASN A 51 14.30 0.59 -17.91
CA ASN A 51 14.51 0.04 -19.21
C ASN A 51 13.19 -0.33 -19.90
N LEU A 52 12.14 0.39 -19.57
CA LEU A 52 10.84 0.17 -20.18
C LEU A 52 10.79 0.65 -21.62
N THR A 53 10.02 -0.08 -22.43
CA THR A 53 9.92 0.14 -23.84
C THR A 53 8.52 0.25 -24.34
N ASN A 54 7.54 0.05 -23.46
CA ASN A 54 6.14 -0.04 -23.92
C ASN A 54 5.35 1.16 -23.42
N HIS A 55 4.98 2.05 -24.33
CA HIS A 55 4.26 3.25 -23.92
C HIS A 55 2.85 2.98 -23.34
N THR A 56 2.18 1.94 -23.79
CA THR A 56 0.86 1.62 -23.26
C THR A 56 0.88 1.34 -21.75
N MET A 57 1.97 0.78 -21.23
CA MET A 57 2.12 0.59 -19.79
C MET A 57 3.05 1.62 -19.19
N LEU A 58 3.36 2.66 -19.98
CA LEU A 58 4.24 3.79 -19.67
C LEU A 58 5.71 3.45 -19.64
N LYS A 59 6.52 4.21 -20.38
CA LYS A 59 7.94 3.99 -20.43
C LYS A 59 8.65 4.71 -19.31
N SER A 60 8.00 5.72 -18.75
CA SER A 60 8.49 6.40 -17.58
C SER A 60 7.98 5.69 -16.32
N THR A 61 8.59 6.00 -15.18
CA THR A 61 8.21 5.37 -13.92
C THR A 61 8.58 6.23 -12.76
N SER A 62 7.99 5.91 -11.63
CA SER A 62 8.35 6.51 -10.36
C SER A 62 7.92 5.56 -9.29
N ILE A 63 8.70 5.42 -8.25
CA ILE A 63 8.45 4.39 -7.19
C ILE A 63 8.22 5.02 -5.84
N HIS A 64 7.11 4.65 -5.21
CA HIS A 64 6.84 4.97 -3.82
C HIS A 64 7.20 3.80 -2.93
N TRP A 65 7.84 4.13 -1.83
CA TRP A 65 8.23 3.19 -0.81
C TRP A 65 7.18 3.36 0.30
N HIS A 66 6.17 2.52 0.21
CA HIS A 66 4.92 2.73 0.91
C HIS A 66 5.10 2.53 2.41
N GLY A 67 4.84 3.58 3.17
CA GLY A 67 4.84 3.52 4.63
C GLY A 67 5.97 4.25 5.27
N PHE A 68 6.97 4.61 4.47
CA PHE A 68 8.15 5.27 5.05
C PHE A 68 7.90 6.75 5.24
N PHE A 69 8.38 7.31 6.34
CA PHE A 69 8.13 8.73 6.62
C PHE A 69 8.91 9.64 5.65
N GLN A 70 10.09 9.21 5.18
CA GLN A 70 10.91 10.03 4.28
C GLN A 70 11.24 11.40 4.88
N HIS A 71 11.47 11.46 6.18
CA HIS A 71 11.78 12.76 6.81
C HIS A 71 13.10 13.31 6.26
N GLY A 72 13.07 14.48 5.66
CA GLY A 72 14.22 15.08 5.04
C GLY A 72 14.54 14.57 3.65
N THR A 73 13.79 13.56 3.17
CA THR A 73 13.94 13.04 1.85
C THR A 73 12.59 12.95 1.17
N ASN A 74 11.83 14.04 1.25
CA ASN A 74 10.54 14.08 0.58
C ASN A 74 10.61 13.85 -0.92
N TRP A 75 11.73 14.26 -1.51
CA TRP A 75 12.01 14.06 -2.90
C TRP A 75 12.06 12.61 -3.33
N ALA A 76 12.19 11.69 -2.40
CA ALA A 76 12.31 10.27 -2.69
C ALA A 76 11.00 9.53 -2.48
N ASP A 77 9.92 10.25 -2.17
CA ASP A 77 8.68 9.55 -1.76
C ASP A 77 8.01 8.84 -2.92
N GLY A 78 8.07 9.38 -4.15
CA GLY A 78 7.59 8.64 -5.32
C GLY A 78 6.45 9.19 -6.12
N PRO A 79 5.42 9.78 -5.52
CA PRO A 79 4.30 10.19 -6.34
C PRO A 79 4.67 11.13 -7.50
N ALA A 80 4.31 10.70 -8.70
CA ALA A 80 4.64 11.46 -9.87
C ALA A 80 3.89 12.79 -9.84
N PHE A 81 4.64 13.86 -10.09
CA PHE A 81 4.14 15.23 -10.08
C PHE A 81 3.80 15.80 -8.71
N ILE A 82 4.06 15.04 -7.67
CA ILE A 82 3.97 15.53 -6.31
C ILE A 82 5.37 15.69 -5.78
N ASN A 83 6.13 14.61 -5.78
CA ASN A 83 7.46 14.57 -5.18
C ASN A 83 8.59 14.48 -6.16
N GLN A 84 8.26 14.18 -7.42
CA GLN A 84 9.25 14.13 -8.49
C GLN A 84 8.55 14.15 -9.83
N CYS A 85 9.30 14.44 -10.90
CA CYS A 85 8.90 14.02 -12.23
C CYS A 85 9.28 12.57 -12.39
N PRO A 86 8.61 11.88 -13.28
CA PRO A 86 9.01 10.50 -13.51
C PRO A 86 10.43 10.35 -14.00
N ILE A 87 10.99 9.20 -13.71
CA ILE A 87 12.18 8.70 -14.35
C ILE A 87 11.86 8.40 -15.80
N SER A 88 12.77 8.74 -16.69
CA SER A 88 12.57 8.58 -18.12
C SER A 88 13.19 7.26 -18.61
N PRO A 89 12.64 6.72 -19.70
CA PRO A 89 13.22 5.50 -20.22
C PRO A 89 14.66 5.70 -20.65
N GLY A 90 15.47 4.71 -20.37
CA GLY A 90 16.89 4.81 -20.62
C GLY A 90 17.70 5.54 -19.58
N HIS A 91 17.06 5.89 -18.48
CA HIS A 91 17.73 6.56 -17.38
C HIS A 91 17.55 5.76 -16.10
N SER A 92 18.39 6.03 -15.14
CA SER A 92 18.29 5.49 -13.82
C SER A 92 18.14 6.63 -12.83
N PHE A 93 17.59 6.32 -11.66
CA PHE A 93 17.44 7.31 -10.61
C PHE A 93 17.60 6.61 -9.27
N LEU A 94 18.43 7.21 -8.44
CA LEU A 94 18.77 6.69 -7.13
C LEU A 94 17.88 7.27 -6.05
N TYR A 95 17.07 6.41 -5.46
CA TYR A 95 16.32 6.74 -4.26
C TYR A 95 17.22 6.42 -3.07
N ASP A 96 17.54 7.43 -2.29
CA ASP A 96 18.54 7.35 -1.23
C ASP A 96 17.90 7.94 0.01
N PHE A 97 17.54 7.08 0.95
CA PHE A 97 16.80 7.52 2.10
C PHE A 97 17.10 6.63 3.27
N GLN A 98 16.78 7.10 4.46
CA GLN A 98 17.01 6.39 5.66
C GLN A 98 15.71 6.01 6.33
N VAL A 99 15.77 4.94 7.14
CA VAL A 99 14.61 4.50 7.89
C VAL A 99 15.08 4.42 9.36
N PRO A 100 15.17 5.57 10.02
CA PRO A 100 15.80 5.58 11.37
C PRO A 100 14.94 5.05 12.51
N ASP A 101 13.64 5.11 12.30
CA ASP A 101 12.66 5.04 13.38
C ASP A 101 11.42 4.21 13.01
N GLN A 102 11.56 3.28 12.09
CA GLN A 102 10.46 2.43 11.70
C GLN A 102 11.02 1.03 11.49
N ALA A 103 10.17 0.05 11.74
CA ALA A 103 10.43 -1.35 11.40
C ALA A 103 9.09 -2.03 11.19
N GLY A 104 9.04 -2.94 10.26
CA GLY A 104 7.78 -3.59 9.94
C GLY A 104 7.73 -4.01 8.49
N THR A 105 6.52 -4.15 8.02
CA THR A 105 6.20 -4.63 6.68
C THR A 105 5.68 -3.47 5.86
N PHE A 106 6.30 -3.30 4.71
CA PHE A 106 6.03 -2.22 3.81
C PHE A 106 5.89 -2.83 2.39
N TRP A 107 5.83 -1.97 1.38
CA TRP A 107 5.87 -2.43 0.02
C TRP A 107 6.33 -1.30 -0.86
N TYR A 108 6.62 -1.58 -2.12
CA TYR A 108 7.00 -0.54 -3.06
C TYR A 108 6.20 -0.73 -4.32
N HIS A 109 5.91 0.36 -5.01
CA HIS A 109 5.11 0.27 -6.21
C HIS A 109 5.26 1.50 -7.06
N SER A 110 5.00 1.37 -8.33
CA SER A 110 4.91 2.56 -9.15
C SER A 110 3.87 3.48 -8.63
N HIS A 111 4.20 4.76 -8.67
CA HIS A 111 3.30 5.82 -8.26
C HIS A 111 3.12 6.80 -9.43
N LEU A 112 3.13 6.23 -10.63
CA LEU A 112 2.81 6.94 -11.89
C LEU A 112 1.55 6.31 -12.46
N SER A 113 0.49 7.10 -12.60
CA SER A 113 -0.76 6.65 -13.19
C SER A 113 -1.13 5.29 -12.56
N THR A 114 -1.62 4.38 -13.38
CA THR A 114 -2.06 3.05 -12.89
C THR A 114 -0.99 1.97 -13.18
N GLN A 115 0.26 2.39 -13.30
CA GLN A 115 1.30 1.48 -13.70
C GLN A 115 1.54 0.35 -12.69
N TYR A 116 1.26 0.56 -11.42
CA TYR A 116 1.51 -0.57 -10.48
C TYR A 116 0.58 -1.74 -10.79
N CYS A 117 -0.60 -1.47 -11.32
CA CYS A 117 -1.53 -2.51 -11.63
C CYS A 117 -0.98 -3.42 -12.73
N ASP A 118 -0.16 -2.85 -13.59
CA ASP A 118 0.46 -3.62 -14.66
C ASP A 118 1.68 -4.39 -14.23
N GLY A 119 2.07 -4.30 -12.95
CA GLY A 119 3.01 -5.23 -12.36
C GLY A 119 4.10 -4.65 -11.47
N LEU A 120 4.28 -3.33 -11.46
CA LEU A 120 5.40 -2.75 -10.74
C LEU A 120 5.01 -2.58 -9.28
N ARG A 121 5.20 -3.64 -8.50
CA ARG A 121 4.83 -3.66 -7.10
C ARG A 121 5.55 -4.84 -6.47
N GLY A 122 5.98 -4.69 -5.23
CA GLY A 122 6.60 -5.79 -4.52
C GLY A 122 6.70 -5.49 -3.04
N PRO A 123 7.05 -6.48 -2.23
CA PRO A 123 7.12 -6.30 -0.79
C PRO A 123 8.43 -5.68 -0.34
N PHE A 124 8.44 -5.12 0.85
CA PHE A 124 9.61 -4.45 1.41
C PHE A 124 9.54 -4.65 2.92
N VAL A 125 10.56 -5.24 3.53
CA VAL A 125 10.56 -5.49 4.94
C VAL A 125 11.74 -4.81 5.62
N VAL A 126 11.47 -4.16 6.74
CA VAL A 126 12.55 -3.57 7.57
C VAL A 126 12.50 -4.29 8.89
N TYR A 127 13.54 -5.10 9.12
CA TYR A 127 13.62 -5.93 10.31
C TYR A 127 14.12 -5.15 11.50
N ASP A 128 13.74 -5.62 12.69
CA ASP A 128 14.17 -5.02 13.95
C ASP A 128 14.91 -6.11 14.70
N PRO A 129 16.23 -5.94 14.87
CA PRO A 129 16.99 -6.95 15.61
C PRO A 129 16.56 -7.10 17.06
N ASN A 130 15.83 -6.12 17.58
CA ASN A 130 15.34 -6.15 18.93
C ASN A 130 13.83 -6.15 18.93
N ASP A 131 13.23 -6.77 17.91
CA ASP A 131 11.79 -6.76 17.77
C ASP A 131 11.09 -7.16 19.04
N PRO A 132 10.17 -6.34 19.54
CA PRO A 132 9.59 -6.74 20.84
C PRO A 132 8.70 -7.94 20.79
N HIS A 133 8.31 -8.35 19.58
CA HIS A 133 7.51 -9.54 19.37
C HIS A 133 8.36 -10.80 19.09
N ALA A 134 9.69 -10.68 19.12
CA ALA A 134 10.53 -11.78 18.65
C ALA A 134 10.29 -13.12 19.32
N SER A 135 9.92 -13.06 20.59
CA SER A 135 9.76 -14.29 21.35
C SER A 135 8.48 -15.04 20.94
N ARG A 136 7.61 -14.39 20.17
CA ARG A 136 6.38 -15.01 19.72
C ARG A 136 6.55 -15.95 18.49
N TYR A 137 7.73 -15.96 17.87
CA TYR A 137 7.90 -16.80 16.67
C TYR A 137 9.33 -17.24 16.46
N ASP A 138 9.49 -18.25 15.61
CA ASP A 138 10.76 -18.88 15.34
C ASP A 138 11.33 -18.51 13.99
N VAL A 139 10.45 -18.28 13.03
CA VAL A 139 10.86 -18.08 11.63
C VAL A 139 10.28 -16.80 11.09
N ASP A 140 11.13 -15.99 10.49
CA ASP A 140 10.74 -14.72 9.86
C ASP A 140 11.78 -14.44 8.79
N ASN A 141 11.44 -14.72 7.54
CA ASN A 141 12.42 -14.63 6.45
C ASN A 141 11.72 -14.42 5.10
N ASP A 142 12.43 -14.58 3.98
CA ASP A 142 11.84 -14.35 2.67
C ASP A 142 10.60 -15.19 2.46
N ASP A 143 10.61 -16.39 3.01
CA ASP A 143 9.57 -17.36 2.79
C ASP A 143 8.38 -17.16 3.73
N THR A 144 8.41 -16.15 4.57
CA THR A 144 7.24 -15.81 5.42
C THR A 144 6.54 -14.53 4.96
N VAL A 145 6.93 -13.97 3.81
CA VAL A 145 6.19 -12.88 3.21
C VAL A 145 5.07 -13.45 2.39
N ILE A 146 3.86 -12.95 2.62
CA ILE A 146 2.72 -13.35 1.80
C ILE A 146 2.18 -12.13 1.07
N THR A 147 2.25 -12.11 -0.24
CA THR A 147 1.73 -10.99 -1.00
C THR A 147 0.37 -11.38 -1.58
N LEU A 148 -0.52 -10.43 -1.60
CA LEU A 148 -1.79 -10.56 -2.29
C LEU A 148 -1.82 -9.54 -3.40
N ALA A 149 -2.28 -9.93 -4.57
CA ALA A 149 -2.39 -9.03 -5.69
C ALA A 149 -3.57 -9.41 -6.57
N ASP A 150 -4.27 -8.40 -7.09
CA ASP A 150 -5.26 -8.54 -8.13
C ASP A 150 -4.56 -8.59 -9.46
N TRP A 151 -4.97 -9.48 -10.34
CA TRP A 151 -4.34 -9.61 -11.65
C TRP A 151 -5.37 -9.56 -12.74
N TYR A 152 -5.08 -8.76 -13.75
CA TYR A 152 -5.97 -8.52 -14.85
C TYR A 152 -5.38 -9.02 -16.17
N HIS A 153 -6.21 -9.59 -17.02
CA HIS A 153 -5.72 -10.07 -18.28
C HIS A 153 -5.57 -8.97 -19.29
N THR A 154 -6.31 -7.87 -19.08
CA THR A 154 -6.24 -6.69 -19.93
C THR A 154 -5.52 -5.57 -19.17
N ALA A 155 -4.56 -4.94 -19.85
CA ALA A 155 -3.72 -3.92 -19.21
C ALA A 155 -4.53 -2.75 -18.71
N ALA A 156 -3.97 -2.04 -17.75
CA ALA A 156 -4.63 -0.99 -17.08
C ALA A 156 -5.22 0.07 -18.02
N LYS A 157 -4.46 0.48 -19.01
CA LYS A 157 -4.92 1.51 -19.92
C LYS A 157 -5.81 0.98 -21.01
N LEU A 158 -5.96 -0.34 -21.15
CA LEU A 158 -6.71 -0.94 -22.21
C LEU A 158 -8.06 -1.47 -21.81
N GLY A 159 -8.28 -1.63 -20.51
CA GLY A 159 -9.55 -2.15 -20.03
C GLY A 159 -10.52 -1.05 -19.70
N PRO A 160 -11.59 -1.39 -18.96
CA PRO A 160 -12.49 -0.41 -18.45
C PRO A 160 -11.76 0.54 -17.53
N ARG A 161 -12.23 1.77 -17.46
CA ARG A 161 -11.68 2.76 -16.55
C ARG A 161 -11.73 2.28 -15.10
N PHE A 162 -12.84 1.63 -14.72
CA PHE A 162 -13.04 1.09 -13.35
C PHE A 162 -13.43 -0.37 -13.48
N PRO A 163 -12.45 -1.26 -13.62
CA PRO A 163 -12.75 -2.69 -13.71
C PRO A 163 -13.63 -3.25 -12.58
N GLY A 164 -14.46 -4.25 -12.93
CA GLY A 164 -15.38 -4.87 -11.99
C GLY A 164 -14.82 -6.10 -11.29
N GLY A 165 -13.53 -6.05 -10.93
CA GLY A 165 -12.88 -7.22 -10.36
C GLY A 165 -11.79 -7.73 -11.25
N ALA A 166 -10.91 -8.46 -10.62
CA ALA A 166 -9.76 -8.98 -11.30
C ALA A 166 -10.06 -10.33 -11.92
N ASP A 167 -9.23 -10.74 -12.86
CA ASP A 167 -9.33 -12.08 -13.41
C ASP A 167 -8.87 -13.13 -12.40
N ALA A 168 -7.89 -12.81 -11.57
CA ALA A 168 -7.35 -13.73 -10.58
C ALA A 168 -6.83 -12.96 -9.39
N THR A 169 -6.92 -13.53 -8.21
CA THR A 169 -6.14 -13.11 -7.09
C THR A 169 -4.87 -13.97 -7.08
N LEU A 170 -3.75 -13.30 -6.93
CA LEU A 170 -2.47 -13.94 -6.81
C LEU A 170 -2.02 -13.90 -5.38
N ILE A 171 -1.60 -15.05 -4.87
CA ILE A 171 -1.00 -15.16 -3.57
C ILE A 171 0.42 -15.59 -3.79
N ASN A 172 1.37 -14.80 -3.33
CA ASN A 172 2.75 -15.03 -3.69
C ASN A 172 2.96 -15.23 -5.18
N GLY A 173 2.29 -14.40 -5.96
CA GLY A 173 2.55 -14.29 -7.36
C GLY A 173 1.87 -15.32 -8.24
N LYS A 174 1.09 -16.23 -7.68
CA LYS A 174 0.40 -17.27 -8.47
C LYS A 174 -1.04 -17.41 -8.04
N GLY A 175 -1.90 -17.78 -8.96
CA GLY A 175 -3.27 -18.03 -8.62
C GLY A 175 -4.03 -18.45 -9.83
N ARG A 176 -5.29 -18.81 -9.65
CA ARG A 176 -6.08 -19.30 -10.75
C ARG A 176 -7.15 -18.33 -11.19
N ALA A 177 -7.35 -18.35 -12.49
CA ALA A 177 -8.43 -17.68 -13.20
C ALA A 177 -9.34 -18.78 -13.75
N PRO A 178 -10.58 -18.44 -14.16
CA PRO A 178 -11.46 -19.41 -14.83
C PRO A 178 -10.89 -20.06 -16.09
N SER A 179 -9.96 -19.38 -16.74
CA SER A 179 -9.38 -19.82 -18.01
C SER A 179 -8.37 -20.96 -17.88
N ASP A 180 -7.90 -21.24 -16.66
CA ASP A 180 -6.94 -22.32 -16.48
C ASP A 180 -7.07 -22.89 -15.06
N SER A 181 -7.87 -23.98 -14.98
CA SER A 181 -8.24 -24.65 -13.75
C SER A 181 -7.05 -25.33 -13.05
N VAL A 182 -5.99 -25.56 -13.81
CA VAL A 182 -4.84 -26.32 -13.30
C VAL A 182 -3.58 -25.51 -13.17
N ALA A 183 -3.66 -24.19 -13.27
CA ALA A 183 -2.49 -23.40 -13.12
C ALA A 183 -1.87 -23.65 -11.74
N GLU A 184 -0.55 -23.60 -11.70
CA GLU A 184 0.21 -23.84 -10.48
C GLU A 184 -0.21 -22.87 -9.40
N LEU A 185 -0.49 -23.43 -8.24
CA LEU A 185 -0.72 -22.66 -7.02
C LEU A 185 0.53 -22.43 -6.24
N SER A 186 0.57 -21.30 -5.55
CA SER A 186 1.68 -21.06 -4.64
C SER A 186 1.58 -22.03 -3.46
N VAL A 187 2.75 -22.42 -2.97
CA VAL A 187 2.90 -23.26 -1.79
C VAL A 187 3.74 -22.51 -0.76
N ILE A 188 3.24 -22.41 0.46
CA ILE A 188 3.96 -21.84 1.60
C ILE A 188 4.27 -23.01 2.49
N LYS A 189 5.55 -23.22 2.71
CA LYS A 189 6.01 -24.35 3.49
C LYS A 189 6.16 -24.02 4.96
N VAL A 190 5.72 -24.93 5.82
CA VAL A 190 6.01 -24.80 7.26
C VAL A 190 6.44 -26.16 7.80
N THR A 191 7.20 -26.10 8.88
CA THR A 191 7.65 -27.26 9.61
C THR A 191 6.83 -27.38 10.87
N LYS A 192 6.24 -28.54 11.09
CA LYS A 192 5.43 -28.77 12.25
C LYS A 192 6.23 -28.42 13.52
N GLY A 193 5.56 -27.72 14.41
CA GLY A 193 6.13 -27.27 15.66
C GLY A 193 6.81 -25.92 15.69
N LYS A 194 7.00 -25.32 14.53
CA LYS A 194 7.61 -24.00 14.45
C LYS A 194 6.52 -22.94 14.32
N ARG A 195 6.84 -21.74 14.80
CA ARG A 195 5.96 -20.57 14.78
C ARG A 195 6.55 -19.59 13.79
N TYR A 196 5.68 -19.07 12.94
CA TYR A 196 6.04 -18.28 11.78
C TYR A 196 5.47 -16.88 11.90
N ARG A 197 6.30 -15.89 11.65
CA ARG A 197 5.84 -14.53 11.48
C ARG A 197 5.53 -14.33 10.00
N PHE A 198 4.24 -14.44 9.65
CA PHE A 198 3.84 -14.17 8.29
C PHE A 198 3.54 -12.71 8.12
N ARG A 199 4.11 -12.14 7.09
CA ARG A 199 4.00 -10.72 6.78
C ARG A 199 3.10 -10.60 5.58
N LEU A 200 1.83 -10.28 5.84
CA LEU A 200 0.80 -10.25 4.82
C LEU A 200 0.72 -8.82 4.25
N VAL A 201 0.93 -8.70 2.95
CA VAL A 201 1.00 -7.43 2.30
C VAL A 201 0.03 -7.39 1.14
N SER A 202 -0.91 -6.44 1.14
CA SER A 202 -1.77 -6.27 0.00
C SER A 202 -1.14 -5.33 -1.01
N LEU A 203 -0.82 -5.90 -2.17
CA LEU A 203 -0.34 -5.16 -3.30
C LEU A 203 -1.51 -4.85 -4.22
N SER A 204 -2.76 -4.91 -3.73
CA SER A 204 -3.92 -4.75 -4.59
C SER A 204 -4.04 -3.36 -5.18
N CYS A 205 -4.49 -3.33 -6.44
CA CYS A 205 -4.91 -2.10 -7.07
C CYS A 205 -6.32 -1.71 -6.77
N ASN A 206 -7.14 -2.62 -6.26
CA ASN A 206 -8.56 -2.31 -6.12
C ASN A 206 -9.27 -3.16 -5.06
N PRO A 207 -9.57 -4.45 -5.34
CA PRO A 207 -10.33 -5.18 -4.35
C PRO A 207 -9.62 -5.32 -3.02
N ASN A 208 -10.42 -5.45 -1.98
CA ASN A 208 -9.93 -5.96 -0.69
C ASN A 208 -10.10 -7.46 -0.63
N HIS A 209 -9.40 -8.08 0.28
CA HIS A 209 -9.41 -9.54 0.34
C HIS A 209 -9.70 -9.97 1.74
N THR A 210 -10.46 -11.05 1.90
CA THR A 210 -10.72 -11.64 3.21
C THR A 210 -9.85 -12.89 3.29
N PHE A 211 -8.83 -12.83 4.14
CA PHE A 211 -7.75 -13.81 4.21
C PHE A 211 -7.97 -14.74 5.39
N SER A 212 -7.81 -16.02 5.15
CA SER A 212 -7.90 -17.03 6.19
C SER A 212 -7.10 -18.23 5.78
N ILE A 213 -6.77 -19.06 6.77
CA ILE A 213 -6.03 -20.30 6.55
C ILE A 213 -6.82 -21.41 7.21
N ASP A 214 -7.26 -22.40 6.44
CA ASP A 214 -8.04 -23.49 7.01
C ASP A 214 -7.31 -24.12 8.18
N GLY A 215 -8.04 -24.33 9.26
CA GLY A 215 -7.49 -25.12 10.38
C GLY A 215 -6.56 -24.36 11.32
N HIS A 216 -6.36 -23.07 11.04
CA HIS A 216 -5.39 -22.29 11.80
C HIS A 216 -5.94 -20.93 12.18
N ASN A 217 -5.65 -20.52 13.40
CA ASN A 217 -5.86 -19.18 13.87
C ASN A 217 -4.59 -18.37 13.73
N LEU A 218 -4.73 -17.05 13.77
CA LEU A 218 -3.67 -16.16 13.43
C LEU A 218 -3.56 -15.13 14.57
N THR A 219 -2.36 -14.73 14.94
CA THR A 219 -2.18 -13.73 16.00
C THR A 219 -1.55 -12.49 15.40
N ILE A 220 -2.34 -11.44 15.24
CA ILE A 220 -1.83 -10.20 14.68
C ILE A 220 -0.94 -9.49 15.66
N ILE A 221 0.23 -9.12 15.16
CA ILE A 221 1.26 -8.45 15.98
C ILE A 221 1.76 -7.12 15.35
N GLU A 222 1.36 -6.80 14.12
CA GLU A 222 1.82 -5.59 13.45
C GLU A 222 0.72 -5.17 12.49
N VAL A 223 0.47 -3.86 12.40
CA VAL A 223 -0.53 -3.25 11.54
C VAL A 223 0.13 -2.11 10.79
N ASP A 224 0.25 -2.23 9.48
CA ASP A 224 0.87 -1.17 8.67
C ASP A 224 2.16 -0.61 9.34
N SER A 225 3.05 -1.51 9.71
CA SER A 225 4.34 -1.15 10.27
C SER A 225 4.30 -0.63 11.69
N VAL A 226 3.18 -0.75 12.37
CA VAL A 226 3.04 -0.36 13.78
C VAL A 226 2.82 -1.62 14.62
N ASN A 227 3.68 -1.86 15.62
CA ASN A 227 3.53 -3.03 16.44
C ASN A 227 2.23 -2.92 17.21
N SER A 228 1.50 -4.03 17.27
CA SER A 228 0.24 -4.08 17.99
C SER A 228 0.35 -5.03 19.17
N GLN A 229 -0.56 -4.85 20.12
CA GLN A 229 -0.84 -5.90 21.04
C GLN A 229 -1.30 -7.11 20.25
N PRO A 230 -1.00 -8.31 20.78
CA PRO A 230 -1.35 -9.51 20.01
C PRO A 230 -2.84 -9.72 19.98
N LEU A 231 -3.42 -9.86 18.80
CA LEU A 231 -4.86 -10.03 18.62
C LEU A 231 -5.12 -11.32 17.87
N GLU A 232 -5.80 -12.26 18.51
CA GLU A 232 -6.10 -13.53 17.88
C GLU A 232 -7.32 -13.37 17.01
N VAL A 233 -7.20 -13.81 15.78
CA VAL A 233 -8.29 -13.76 14.81
C VAL A 233 -8.32 -15.05 13.99
N ASP A 234 -9.41 -15.29 13.28
CA ASP A 234 -9.42 -16.40 12.33
C ASP A 234 -9.67 -15.97 10.89
N SER A 235 -9.78 -14.67 10.68
CA SER A 235 -9.80 -14.11 9.34
C SER A 235 -9.45 -12.65 9.42
N ILE A 236 -8.91 -12.17 8.31
CA ILE A 236 -8.46 -10.80 8.17
C ILE A 236 -8.97 -10.22 6.87
N GLN A 237 -9.82 -9.19 6.96
CA GLN A 237 -10.14 -8.39 5.77
C GLN A 237 -9.07 -7.33 5.64
N ILE A 238 -8.28 -7.44 4.58
CA ILE A 238 -7.17 -6.55 4.33
C ILE A 238 -7.49 -5.73 3.09
N PHE A 239 -7.37 -4.41 3.25
CA PHE A 239 -7.63 -3.48 2.16
C PHE A 239 -6.38 -3.19 1.38
N ALA A 240 -6.59 -2.74 0.14
CA ALA A 240 -5.47 -2.39 -0.73
C ALA A 240 -4.45 -1.58 0.05
N ALA A 241 -3.20 -2.03 -0.06
CA ALA A 241 -2.04 -1.32 0.48
C ALA A 241 -1.76 -1.50 1.98
N GLN A 242 -2.67 -2.18 2.69
CA GLN A 242 -2.44 -2.48 4.08
C GLN A 242 -1.50 -3.64 4.28
N ARG A 243 -0.93 -3.73 5.49
CA ARG A 243 -0.07 -4.84 5.89
C ARG A 243 -0.43 -5.29 7.28
N TYR A 244 -0.32 -6.59 7.50
CA TYR A 244 -0.39 -7.19 8.87
C TYR A 244 0.69 -8.19 9.01
N SER A 245 1.36 -8.24 10.15
CA SER A 245 2.04 -9.46 10.51
C SER A 245 1.16 -10.25 11.40
N PHE A 246 1.18 -11.58 11.21
CA PHE A 246 0.51 -12.47 12.12
C PHE A 246 1.38 -13.67 12.36
N VAL A 247 1.27 -14.21 13.57
CA VAL A 247 1.93 -15.43 13.88
C VAL A 247 1.02 -16.60 13.66
N LEU A 248 1.58 -17.58 12.96
CA LEU A 248 0.92 -18.87 12.74
C LEU A 248 1.77 -19.88 13.47
N ASP A 249 1.13 -20.68 14.31
CA ASP A 249 1.78 -21.80 14.96
C ASP A 249 1.51 -23.03 14.13
N ALA A 250 2.55 -23.64 13.54
CA ALA A 250 2.34 -24.80 12.66
C ALA A 250 2.24 -26.03 13.54
N ASN A 251 1.11 -26.14 14.25
CA ASN A 251 0.98 -27.17 15.27
C ASN A 251 -0.18 -28.06 14.97
N GLN A 252 -0.69 -28.04 13.75
CA GLN A 252 -1.75 -28.94 13.31
C GLN A 252 -1.13 -30.20 12.73
N ALA A 253 -1.97 -31.12 12.28
CA ALA A 253 -1.45 -32.35 11.66
C ALA A 253 -0.67 -32.02 10.38
N VAL A 254 0.41 -32.71 10.11
CA VAL A 254 1.12 -32.61 8.84
C VAL A 254 0.12 -32.91 7.72
N ASP A 255 -0.11 -31.88 6.90
CA ASP A 255 -1.11 -31.94 5.85
C ASP A 255 -0.97 -30.70 4.98
N ASN A 256 -1.85 -30.62 3.98
CA ASN A 256 -2.06 -29.47 3.12
C ASN A 256 -3.31 -28.76 3.56
N TYR A 257 -3.22 -27.44 3.74
CA TYR A 257 -4.34 -26.62 4.18
C TYR A 257 -4.54 -25.48 3.18
N TRP A 258 -5.80 -25.19 2.83
CA TRP A 258 -6.04 -24.06 1.92
C TRP A 258 -5.74 -22.73 2.62
N ILE A 259 -5.04 -21.86 1.90
CA ILE A 259 -4.92 -20.42 2.20
C ILE A 259 -5.88 -19.71 1.26
N ARG A 260 -6.74 -18.87 1.84
CA ARG A 260 -7.84 -18.25 1.10
C ARG A 260 -7.70 -16.74 1.16
N ALA A 261 -7.94 -16.10 0.02
CA ALA A 261 -7.94 -14.60 -0.05
C ALA A 261 -9.08 -14.19 -0.97
N ASN A 262 -10.26 -14.03 -0.35
CA ASN A 262 -11.47 -13.86 -1.12
C ASN A 262 -11.70 -12.41 -1.40
N PRO A 263 -11.73 -12.01 -2.67
CA PRO A 263 -11.91 -10.57 -2.98
C PRO A 263 -13.34 -10.16 -2.71
N ASN A 264 -13.56 -8.86 -2.50
CA ASN A 264 -14.89 -8.31 -2.29
C ASN A 264 -15.77 -8.28 -3.52
N PHE A 265 -15.18 -8.35 -4.70
CA PHE A 265 -15.91 -8.46 -5.96
C PHE A 265 -14.97 -9.08 -6.96
N GLY A 266 -15.56 -9.50 -8.06
CA GLY A 266 -14.92 -10.21 -9.16
C GLY A 266 -15.33 -11.66 -9.12
N ASN A 267 -14.35 -12.54 -9.26
CA ASN A 267 -14.58 -13.98 -9.15
C ASN A 267 -14.42 -14.34 -7.70
N VAL A 268 -15.52 -14.39 -6.98
CA VAL A 268 -15.52 -14.64 -5.58
C VAL A 268 -15.67 -16.12 -5.31
N GLY A 269 -15.22 -16.56 -4.14
CA GLY A 269 -15.27 -17.93 -3.77
C GLY A 269 -14.06 -18.70 -4.23
N PHE A 270 -14.19 -20.02 -4.27
CA PHE A 270 -13.05 -20.91 -4.42
C PHE A 270 -13.25 -22.04 -5.42
N ASP A 271 -14.20 -21.91 -6.31
CA ASP A 271 -14.43 -22.96 -7.35
C ASP A 271 -13.17 -23.12 -8.18
N GLY A 272 -12.65 -24.35 -8.21
CA GLY A 272 -11.48 -24.66 -8.99
C GLY A 272 -10.18 -24.21 -8.35
N GLY A 273 -10.22 -23.81 -7.08
CA GLY A 273 -9.01 -23.37 -6.40
C GLY A 273 -8.60 -21.95 -6.75
N ILE A 274 -9.53 -21.14 -7.26
CA ILE A 274 -9.29 -19.71 -7.37
C ILE A 274 -9.18 -19.10 -5.98
N ASN A 275 -8.57 -17.92 -5.93
CA ASN A 275 -8.44 -17.18 -4.69
C ASN A 275 -7.74 -17.94 -3.57
N SER A 276 -6.83 -18.84 -3.93
CA SER A 276 -6.25 -19.80 -3.04
C SER A 276 -4.75 -20.02 -3.26
N ALA A 277 -4.13 -20.49 -2.17
CA ALA A 277 -2.78 -21.02 -2.18
C ALA A 277 -2.77 -22.20 -1.18
N ILE A 278 -1.62 -22.82 -1.02
CA ILE A 278 -1.49 -24.05 -0.26
C ILE A 278 -0.51 -23.86 0.90
N LEU A 279 -0.95 -24.10 2.12
CA LEU A 279 -0.04 -24.18 3.27
C LEU A 279 0.34 -25.66 3.41
N ARG A 280 1.62 -25.97 3.16
CA ARG A 280 2.04 -27.35 3.15
C ARG A 280 3.01 -27.57 4.26
N TYR A 281 2.63 -28.46 5.16
CA TYR A 281 3.56 -28.90 6.18
C TYR A 281 4.58 -29.85 5.58
N ASP A 282 5.83 -29.72 6.01
CA ASP A 282 6.91 -30.62 5.57
C ASP A 282 6.45 -32.06 5.81
N GLY A 283 6.55 -32.91 4.79
CA GLY A 283 6.08 -34.29 4.85
C GLY A 283 4.69 -34.57 4.31
N ALA A 284 3.94 -33.52 4.04
CA ALA A 284 2.65 -33.70 3.38
C ALA A 284 2.88 -33.95 1.89
N PRO A 285 2.01 -34.77 1.26
CA PRO A 285 2.15 -35.03 -0.19
C PRO A 285 1.96 -33.77 -1.02
N ALA A 286 2.61 -33.73 -2.17
CA ALA A 286 2.57 -32.56 -3.04
C ALA A 286 1.28 -32.58 -3.83
N VAL A 287 0.17 -32.39 -3.13
CA VAL A 287 -1.16 -32.38 -3.72
C VAL A 287 -1.96 -31.17 -3.20
N GLU A 288 -3.14 -30.91 -3.79
CA GLU A 288 -4.02 -29.85 -3.27
C GLU A 288 -4.62 -30.21 -1.92
N PRO A 289 -4.84 -29.21 -1.08
CA PRO A 289 -5.64 -29.43 0.09
C PRO A 289 -7.04 -29.91 -0.25
N THR A 290 -7.63 -30.60 0.73
CA THR A 290 -9.04 -30.93 0.64
C THR A 290 -9.69 -30.50 1.93
N THR A 291 -9.09 -29.52 2.61
CA THR A 291 -9.65 -28.97 3.82
C THR A 291 -10.86 -28.08 3.51
N ASN A 292 -11.74 -27.94 4.48
CA ASN A 292 -12.91 -27.08 4.33
C ASN A 292 -12.77 -25.82 5.12
N GLN A 293 -13.35 -24.76 4.59
CA GLN A 293 -13.37 -23.51 5.28
C GLN A 293 -14.42 -23.61 6.36
N THR A 294 -14.05 -23.09 7.52
CA THR A 294 -14.95 -22.95 8.65
C THR A 294 -15.35 -21.48 8.82
N THR A 295 -16.57 -21.25 9.29
CA THR A 295 -17.06 -19.89 9.51
C THR A 295 -16.12 -19.10 10.42
N SER A 296 -15.82 -17.87 10.02
CA SER A 296 -14.99 -17.01 10.85
C SER A 296 -15.77 -16.62 12.10
N VAL A 297 -15.25 -17.01 13.26
CA VAL A 297 -15.86 -16.66 14.53
C VAL A 297 -15.13 -15.57 15.28
N LYS A 298 -13.91 -15.23 14.84
CA LYS A 298 -13.12 -14.18 15.44
C LYS A 298 -12.50 -13.37 14.30
N PRO A 299 -13.34 -12.79 13.45
CA PRO A 299 -12.77 -11.93 12.41
C PRO A 299 -12.08 -10.70 13.00
N LEU A 300 -11.06 -10.22 12.31
CA LEU A 300 -10.48 -8.96 12.67
C LEU A 300 -11.50 -7.84 12.64
N ASN A 301 -11.53 -7.02 13.69
CA ASN A 301 -12.20 -5.73 13.70
C ASN A 301 -11.13 -4.71 14.08
N GLU A 302 -10.98 -3.65 13.29
CA GLU A 302 -9.93 -2.67 13.52
C GLU A 302 -10.04 -2.03 14.89
N VAL A 303 -11.25 -1.92 15.44
CA VAL A 303 -11.36 -1.32 16.78
C VAL A 303 -10.75 -2.18 17.88
N ASP A 304 -10.49 -3.43 17.58
CA ASP A 304 -9.87 -4.33 18.52
C ASP A 304 -8.35 -4.27 18.51
N LEU A 305 -7.77 -3.57 17.53
CA LEU A 305 -6.32 -3.41 17.45
C LEU A 305 -5.89 -2.25 18.29
N HIS A 306 -4.79 -2.44 19.03
CA HIS A 306 -4.20 -1.37 19.85
C HIS A 306 -2.72 -1.42 19.70
N PRO A 307 -2.05 -0.26 19.76
CA PRO A 307 -0.58 -0.29 19.75
C PRO A 307 0.04 -1.09 20.90
N LEU A 308 1.14 -1.75 20.59
CA LEU A 308 1.84 -2.52 21.61
C LEU A 308 2.32 -1.66 22.75
N VAL A 309 2.82 -0.48 22.40
CA VAL A 309 3.29 0.43 23.38
C VAL A 309 2.37 1.65 23.42
N SER A 310 2.34 2.27 24.58
CA SER A 310 1.48 3.41 24.79
C SER A 310 1.81 4.49 23.77
N THR A 311 0.80 4.86 22.98
CA THR A 311 0.97 5.78 21.84
C THR A 311 -0.09 6.84 21.90
N PRO A 312 0.23 8.03 22.43
CA PRO A 312 -0.82 9.02 22.61
C PRO A 312 -1.44 9.58 21.33
N VAL A 313 -2.74 9.83 21.39
CA VAL A 313 -3.49 10.38 20.26
C VAL A 313 -3.23 11.88 20.21
N PRO A 314 -2.89 12.44 19.02
CA PRO A 314 -2.71 13.90 18.90
C PRO A 314 -3.93 14.68 19.35
N GLY A 315 -3.70 15.85 19.95
CA GLY A 315 -4.81 16.73 20.34
C GLY A 315 -5.56 16.34 21.62
N ALA A 316 -6.80 16.83 21.74
CA ALA A 316 -7.62 16.65 22.94
C ALA A 316 -8.86 15.79 22.62
N PRO A 317 -9.43 15.10 23.64
CA PRO A 317 -10.40 14.05 23.36
C PRO A 317 -11.85 14.51 23.11
N SER A 318 -12.03 15.42 22.15
CA SER A 318 -13.34 15.69 21.61
C SER A 318 -13.24 15.95 20.11
N SER A 319 -14.38 15.92 19.45
CA SER A 319 -14.42 16.16 18.01
C SER A 319 -13.86 17.56 17.75
N GLY A 320 -12.93 17.65 16.81
CA GLY A 320 -12.32 18.93 16.45
C GLY A 320 -11.32 19.46 17.46
N GLY A 321 -11.01 18.66 18.49
CA GLY A 321 -10.02 19.03 19.54
C GLY A 321 -8.57 18.91 19.06
N VAL A 322 -8.25 19.66 18.02
CA VAL A 322 -6.94 19.63 17.39
C VAL A 322 -6.67 21.04 16.89
N ASP A 323 -5.47 21.29 16.42
CA ASP A 323 -5.14 22.59 15.87
C ASP A 323 -5.81 22.88 14.56
N LYS A 324 -5.97 21.86 13.73
CA LYS A 324 -6.60 22.03 12.42
C LYS A 324 -7.40 20.79 12.04
N ALA A 325 -8.69 20.99 11.76
CA ALA A 325 -9.58 19.92 11.36
C ALA A 325 -10.00 20.18 9.92
N ILE A 326 -9.96 19.13 9.11
CA ILE A 326 -10.32 19.16 7.69
C ILE A 326 -11.29 18.04 7.42
N ASN A 327 -12.38 18.38 6.75
CA ASN A 327 -13.37 17.40 6.28
C ASN A 327 -13.21 17.21 4.78
N MET A 328 -13.26 15.96 4.32
CA MET A 328 -13.09 15.67 2.92
C MET A 328 -14.42 15.18 2.39
N ALA A 329 -15.05 16.04 1.57
CA ALA A 329 -16.37 15.79 0.96
C ALA A 329 -16.15 15.18 -0.41
N PHE A 330 -16.66 13.97 -0.57
CA PHE A 330 -16.44 13.23 -1.80
C PHE A 330 -17.54 13.43 -2.82
N ASN A 331 -17.19 13.49 -4.12
CA ASN A 331 -18.13 13.43 -5.20
C ASN A 331 -17.55 12.61 -6.34
N PHE A 332 -18.42 12.23 -7.27
CA PHE A 332 -18.05 11.40 -8.43
C PHE A 332 -19.04 11.62 -9.53
N ASN A 333 -18.56 11.81 -10.77
CA ASN A 333 -19.43 12.11 -11.85
C ASN A 333 -19.47 11.09 -12.97
N GLY A 334 -18.93 9.90 -12.72
CA GLY A 334 -18.95 8.79 -13.70
C GLY A 334 -17.57 8.51 -14.26
N SER A 335 -16.73 9.55 -14.34
CA SER A 335 -15.35 9.38 -14.78
C SER A 335 -14.32 9.86 -13.77
N ASN A 336 -14.68 10.87 -13.00
CA ASN A 336 -13.76 11.51 -12.09
C ASN A 336 -14.31 11.58 -10.69
N PHE A 337 -13.39 11.47 -9.74
CA PHE A 337 -13.65 11.69 -8.35
C PHE A 337 -13.24 13.08 -7.96
N PHE A 338 -13.89 13.60 -6.93
CA PHE A 338 -13.64 14.93 -6.41
C PHE A 338 -13.54 14.88 -4.91
N ILE A 339 -12.66 15.72 -4.38
CA ILE A 339 -12.58 15.96 -2.95
C ILE A 339 -12.78 17.45 -2.76
N ASN A 340 -13.79 17.81 -1.98
CA ASN A 340 -14.13 19.22 -1.73
C ASN A 340 -14.23 19.97 -3.00
N GLY A 341 -14.82 19.35 -4.03
CA GLY A 341 -15.09 19.99 -5.27
C GLY A 341 -13.98 20.01 -6.32
N ALA A 342 -12.85 19.35 -6.05
CA ALA A 342 -11.71 19.39 -6.94
C ALA A 342 -11.35 17.94 -7.27
N SER A 343 -11.20 17.64 -8.56
CA SER A 343 -10.65 16.40 -9.01
C SER A 343 -9.17 16.63 -9.31
N PHE A 344 -8.32 15.80 -8.74
CA PHE A 344 -6.90 16.03 -8.83
C PHE A 344 -6.40 15.82 -10.25
N VAL A 345 -5.69 16.81 -10.76
CA VAL A 345 -4.99 16.70 -12.05
C VAL A 345 -3.52 17.00 -11.77
N PRO A 346 -2.61 16.04 -12.07
CA PRO A 346 -1.23 16.30 -11.74
C PRO A 346 -0.70 17.60 -12.42
N PRO A 347 0.05 18.44 -11.69
CA PRO A 347 0.58 19.66 -12.27
C PRO A 347 1.79 19.35 -13.14
N THR A 348 2.12 20.29 -14.02
CA THR A 348 3.32 20.14 -14.82
C THR A 348 4.60 20.19 -14.00
N VAL A 349 4.67 21.11 -13.06
CA VAL A 349 5.80 21.27 -12.15
C VAL A 349 5.44 20.48 -10.90
N PRO A 350 6.23 19.46 -10.53
CA PRO A 350 5.88 18.73 -9.32
C PRO A 350 5.69 19.64 -8.13
N VAL A 351 4.77 19.29 -7.26
CA VAL A 351 4.46 20.13 -6.11
C VAL A 351 5.72 20.44 -5.31
N LEU A 352 6.59 19.46 -5.10
CA LEU A 352 7.81 19.75 -4.35
C LEU A 352 8.66 20.77 -5.07
N LEU A 353 8.82 20.63 -6.39
CA LEU A 353 9.58 21.61 -7.15
C LEU A 353 8.93 23.01 -7.12
N GLN A 354 7.60 23.08 -7.09
CA GLN A 354 6.94 24.36 -6.92
C GLN A 354 7.36 24.99 -5.59
N ILE A 355 7.36 24.20 -4.51
CA ILE A 355 7.72 24.72 -3.22
C ILE A 355 9.17 25.17 -3.18
N LEU A 356 10.05 24.40 -3.78
CA LEU A 356 11.45 24.77 -3.83
C LEU A 356 11.65 26.01 -4.71
N SER A 357 10.72 26.29 -5.61
CA SER A 357 10.72 27.46 -6.46
C SER A 357 9.92 28.63 -5.86
N GLY A 358 9.59 28.52 -4.58
CA GLY A 358 8.98 29.63 -3.87
C GLY A 358 7.56 29.50 -3.42
N ALA A 359 6.83 28.54 -3.96
CA ALA A 359 5.38 28.51 -3.71
C ALA A 359 5.11 27.86 -2.40
N GLN A 360 4.59 28.64 -1.45
CA GLN A 360 4.42 28.15 -0.08
C GLN A 360 2.99 28.25 0.46
N THR A 361 2.10 28.84 -0.31
CA THR A 361 0.71 28.97 0.10
C THR A 361 -0.21 28.19 -0.84
N ALA A 362 -1.41 27.82 -0.36
CA ALA A 362 -2.43 27.15 -1.20
C ALA A 362 -2.73 27.96 -2.42
N GLN A 363 -2.80 29.25 -2.26
CA GLN A 363 -3.08 30.11 -3.39
C GLN A 363 -2.03 30.02 -4.51
N ASP A 364 -0.75 29.92 -4.16
CA ASP A 364 0.33 29.86 -5.16
C ASP A 364 0.61 28.47 -5.72
N LEU A 365 0.18 27.44 -5.02
CA LEU A 365 0.48 26.04 -5.39
C LEU A 365 -0.55 25.50 -6.35
N LEU A 366 -0.09 24.67 -7.25
CA LEU A 366 -0.93 24.04 -8.25
C LEU A 366 -0.92 22.54 -8.00
N PRO A 367 -2.06 21.86 -8.27
CA PRO A 367 -3.29 22.41 -8.81
C PRO A 367 -4.11 23.15 -7.79
N SER A 368 -4.71 24.25 -8.24
CA SER A 368 -5.54 25.07 -7.39
C SER A 368 -6.70 24.25 -6.82
N GLY A 369 -6.89 24.33 -5.52
CA GLY A 369 -7.99 23.68 -4.88
C GLY A 369 -7.75 22.28 -4.38
N SER A 370 -6.56 21.74 -4.64
CA SER A 370 -6.26 20.39 -4.20
C SER A 370 -5.09 20.33 -3.22
N VAL A 371 -4.54 21.48 -2.83
CA VAL A 371 -3.43 21.53 -1.89
C VAL A 371 -3.89 22.18 -0.58
N TYR A 372 -3.61 21.53 0.54
CA TYR A 372 -3.99 21.98 1.86
C TYR A 372 -2.70 22.28 2.59
N VAL A 373 -2.47 23.53 2.92
CA VAL A 373 -1.27 23.89 3.64
C VAL A 373 -1.53 23.67 5.13
N LEU A 374 -0.64 22.93 5.78
CA LEU A 374 -0.73 22.62 7.19
C LEU A 374 0.36 23.34 7.96
N PRO A 375 0.00 23.82 9.17
CA PRO A 375 1.00 24.39 10.07
C PRO A 375 1.92 23.33 10.62
N SER A 376 3.11 23.75 11.02
CA SER A 376 4.10 22.88 11.61
C SER A 376 3.78 22.55 13.07
N ASN A 377 4.13 21.33 13.50
CA ASN A 377 4.12 20.93 14.91
C ASN A 377 2.69 21.06 15.46
N ALA A 378 1.71 20.64 14.66
CA ALA A 378 0.32 20.84 14.99
C ALA A 378 -0.41 19.52 14.93
N SER A 379 -1.49 19.41 15.68
CA SER A 379 -2.38 18.26 15.59
C SER A 379 -3.41 18.52 14.50
N ILE A 380 -3.64 17.50 13.68
CA ILE A 380 -4.52 17.54 12.53
C ILE A 380 -5.54 16.42 12.67
N GLU A 381 -6.80 16.74 12.38
CA GLU A 381 -7.87 15.75 12.31
C GLU A 381 -8.46 15.81 10.94
N ILE A 382 -8.56 14.65 10.28
CA ILE A 382 -9.20 14.58 8.97
C ILE A 382 -10.33 13.55 9.02
N SER A 383 -11.49 13.97 8.49
CA SER A 383 -12.65 13.08 8.43
C SER A 383 -13.03 12.85 7.01
N PHE A 384 -13.49 11.63 6.74
CA PHE A 384 -13.79 11.14 5.42
C PHE A 384 -15.18 10.56 5.35
N PRO A 385 -16.21 11.41 5.50
CA PRO A 385 -17.53 10.84 5.68
C PRO A 385 -17.93 10.01 4.46
N ALA A 386 -18.36 8.78 4.68
CA ALA A 386 -18.81 7.95 3.57
C ALA A 386 -20.07 8.53 2.94
N THR A 387 -20.13 8.51 1.63
CA THR A 387 -21.26 9.11 0.94
C THR A 387 -21.58 8.28 -0.30
N ALA A 388 -22.87 8.14 -0.59
CA ALA A 388 -23.32 7.49 -1.82
C ALA A 388 -22.88 8.26 -3.08
N ALA A 389 -22.48 9.53 -2.88
CA ALA A 389 -22.00 10.36 -3.98
C ALA A 389 -20.68 9.84 -4.53
N ALA A 390 -20.00 8.94 -3.83
CA ALA A 390 -18.70 8.39 -4.23
C ALA A 390 -18.75 6.86 -4.32
N PRO A 391 -19.28 6.32 -5.41
CA PRO A 391 -19.31 4.86 -5.53
C PRO A 391 -17.93 4.22 -5.47
N GLY A 392 -17.94 2.92 -5.21
CA GLY A 392 -16.69 2.15 -5.11
C GLY A 392 -16.20 2.01 -3.71
N ALA A 393 -17.07 2.30 -2.74
CA ALA A 393 -16.77 2.06 -1.33
C ALA A 393 -16.60 0.55 -1.06
N PRO A 394 -15.82 0.22 -0.03
CA PRO A 394 -15.08 1.08 0.89
C PRO A 394 -13.74 1.56 0.28
N HIS A 395 -13.55 2.87 0.29
CA HIS A 395 -12.36 3.51 -0.25
C HIS A 395 -11.25 3.51 0.84
N PRO A 396 -10.12 2.83 0.61
CA PRO A 396 -9.03 2.84 1.55
C PRO A 396 -8.12 4.03 1.30
N PHE A 397 -8.09 4.99 2.20
CA PHE A 397 -7.26 6.17 2.03
C PHE A 397 -5.91 5.96 2.68
N HIS A 398 -4.90 6.50 1.99
CA HIS A 398 -3.52 6.46 2.40
C HIS A 398 -2.98 7.89 2.54
N LEU A 399 -2.33 8.15 3.66
CA LEU A 399 -1.64 9.40 3.89
C LEU A 399 -0.16 9.11 3.82
N HIS A 400 0.54 9.80 2.93
CA HIS A 400 1.99 9.71 2.83
C HIS A 400 2.66 10.47 3.99
N GLY A 401 3.90 10.09 4.32
CA GLY A 401 4.76 10.81 5.27
C GLY A 401 4.44 10.64 6.73
N HIS A 402 3.43 9.82 7.04
CA HIS A 402 2.85 9.78 8.35
C HIS A 402 2.20 8.45 8.65
N THR A 403 2.20 8.11 9.93
CA THR A 403 1.21 7.19 10.50
C THR A 403 0.17 8.05 11.22
N PHE A 404 -1.04 7.56 11.34
CA PHE A 404 -2.10 8.31 11.95
C PHE A 404 -2.88 7.43 12.89
N ALA A 405 -3.46 8.06 13.89
CA ALA A 405 -4.38 7.39 14.80
C ALA A 405 -5.72 7.26 14.12
N VAL A 406 -6.30 6.07 14.16
CA VAL A 406 -7.66 5.85 13.64
C VAL A 406 -8.62 6.08 14.79
N VAL A 407 -9.04 7.31 14.95
CA VAL A 407 -9.91 7.68 16.07
C VAL A 407 -11.29 7.11 15.93
N ARG A 408 -11.78 7.01 14.70
CA ARG A 408 -13.05 6.36 14.40
C ARG A 408 -12.86 5.49 13.18
N SER A 409 -13.08 4.20 13.39
CA SER A 409 -13.00 3.20 12.33
C SER A 409 -14.31 3.01 11.59
N ALA A 410 -14.22 2.40 10.40
CA ALA A 410 -15.39 1.96 9.65
C ALA A 410 -16.18 0.94 10.46
N GLY A 411 -17.51 1.08 10.44
CA GLY A 411 -18.37 0.13 11.11
C GLY A 411 -18.41 0.35 12.60
N SER A 412 -17.95 1.51 13.10
CA SER A 412 -17.97 1.88 14.52
C SER A 412 -18.44 3.32 14.66
N THR A 413 -19.13 3.63 15.75
CA THR A 413 -19.43 5.03 16.10
C THR A 413 -18.58 5.55 17.24
N VAL A 414 -17.69 4.71 17.77
CA VAL A 414 -16.81 5.12 18.86
C VAL A 414 -15.68 6.01 18.34
N TYR A 415 -15.44 7.09 19.06
CA TYR A 415 -14.23 7.86 18.93
C TYR A 415 -13.30 7.43 20.05
N ASN A 416 -12.18 6.80 19.69
CA ASN A 416 -11.18 6.34 20.64
C ASN A 416 -10.01 7.31 20.64
N TYR A 417 -9.96 8.17 21.67
CA TYR A 417 -8.89 9.11 21.84
C TYR A 417 -7.84 8.59 22.81
N ASP A 418 -8.03 7.35 23.25
CA ASP A 418 -7.21 6.72 24.24
C ASP A 418 -6.13 5.84 23.60
N ASN A 419 -6.51 4.66 23.07
CA ASN A 419 -5.54 3.70 22.60
C ASN A 419 -5.89 3.14 21.20
N PRO A 420 -6.32 4.00 20.25
CA PRO A 420 -6.59 3.48 18.91
C PRO A 420 -5.31 3.03 18.23
N ILE A 421 -5.46 2.12 17.27
CA ILE A 421 -4.36 1.73 16.43
C ILE A 421 -3.92 2.94 15.59
N PHE A 422 -2.64 2.94 15.26
CA PHE A 422 -2.07 3.87 14.30
C PHE A 422 -1.74 3.03 13.08
N ARG A 423 -1.94 3.63 11.94
CA ARG A 423 -1.62 2.94 10.68
C ARG A 423 -1.44 3.94 9.56
N ASP A 424 -1.36 3.48 8.30
CA ASP A 424 -1.22 4.42 7.19
C ASP A 424 -2.20 4.28 6.04
N VAL A 425 -3.00 3.22 6.05
CA VAL A 425 -4.06 3.06 5.07
C VAL A 425 -5.29 2.64 5.85
N VAL A 426 -6.41 3.35 5.66
CA VAL A 426 -7.61 3.07 6.43
C VAL A 426 -8.81 2.96 5.51
N SER A 427 -9.62 1.93 5.73
CA SER A 427 -10.94 1.93 5.07
C SER A 427 -11.81 3.04 5.59
N THR A 428 -12.39 3.76 4.67
CA THR A 428 -13.35 4.79 5.00
C THR A 428 -14.79 4.28 5.01
N GLY A 429 -14.98 2.97 4.87
CA GLY A 429 -16.28 2.40 5.20
C GLY A 429 -17.31 2.67 4.12
N THR A 430 -18.58 2.66 4.52
CA THR A 430 -19.67 2.74 3.57
C THR A 430 -20.77 3.67 4.06
N PRO A 431 -21.54 4.21 3.11
CA PRO A 431 -22.63 5.13 3.47
C PRO A 431 -23.79 4.38 4.11
N ALA A 432 -23.93 3.10 3.79
CA ALA A 432 -25.01 2.31 4.34
C ALA A 432 -24.92 2.24 5.87
N ALA A 433 -23.68 2.30 6.38
CA ALA A 433 -23.40 2.31 7.80
C ALA A 433 -23.27 3.70 8.38
N GLY A 434 -23.42 4.77 7.59
CA GLY A 434 -23.23 6.11 8.15
C GLY A 434 -21.81 6.33 8.64
N ASP A 435 -20.82 5.70 8.02
CA ASP A 435 -19.45 5.83 8.52
C ASP A 435 -18.90 7.26 8.37
N ASN A 436 -18.03 7.62 9.31
CA ASN A 436 -17.31 8.87 9.25
C ASN A 436 -15.94 8.66 9.84
N VAL A 437 -15.15 7.92 9.09
CA VAL A 437 -13.83 7.54 9.52
C VAL A 437 -13.00 8.79 9.69
N THR A 438 -12.30 8.83 10.82
CA THR A 438 -11.59 9.99 11.28
C THR A 438 -10.22 9.62 11.81
N ILE A 439 -9.23 10.40 11.37
CA ILE A 439 -7.86 10.14 11.71
C ILE A 439 -7.22 11.39 12.30
N ARG A 440 -6.15 11.19 13.06
CA ARG A 440 -5.37 12.27 13.61
C ARG A 440 -3.89 12.01 13.45
N PHE A 441 -3.15 13.08 13.20
CA PHE A 441 -1.68 13.00 13.13
C PHE A 441 -1.08 14.32 13.51
N ASP A 442 0.21 14.34 13.85
CA ASP A 442 0.96 15.58 14.11
C ASP A 442 1.82 15.91 12.90
N THR A 443 1.98 17.20 12.62
CA THR A 443 2.80 17.66 11.52
C THR A 443 4.26 17.88 11.88
N ASN A 444 5.02 16.82 11.97
CA ASN A 444 6.45 16.93 12.28
C ASN A 444 7.31 16.47 11.12
N ASN A 445 6.81 16.65 9.88
CA ASN A 445 7.49 16.14 8.70
C ASN A 445 7.32 17.07 7.53
N PRO A 446 8.16 18.10 7.42
CA PRO A 446 7.97 19.11 6.39
C PRO A 446 8.02 18.52 4.96
N GLY A 447 7.02 18.85 4.18
CA GLY A 447 6.98 18.44 2.79
C GLY A 447 5.57 18.33 2.27
N PRO A 448 5.43 18.23 0.94
CA PRO A 448 4.13 17.89 0.34
C PRO A 448 3.91 16.38 0.37
N TRP A 449 2.78 15.96 0.92
CA TRP A 449 2.49 14.54 1.08
C TRP A 449 1.14 14.23 0.50
N PHE A 450 1.09 13.21 -0.34
CA PHE A 450 -0.15 12.83 -0.99
C PHE A 450 -1.12 12.17 0.03
N LEU A 451 -2.42 12.41 -0.23
CA LEU A 451 -3.51 11.82 0.54
C LEU A 451 -4.55 11.40 -0.46
N HIS A 452 -4.82 10.09 -0.57
CA HIS A 452 -5.66 9.65 -1.65
C HIS A 452 -6.21 8.28 -1.41
N CYS A 453 -7.24 7.96 -2.14
CA CYS A 453 -7.75 6.57 -2.21
C CYS A 453 -6.69 5.69 -2.85
N HIS A 454 -6.38 4.55 -2.25
CA HIS A 454 -5.37 3.66 -2.78
C HIS A 454 -5.95 2.64 -3.77
N ILE A 455 -7.23 2.75 -4.13
CA ILE A 455 -7.74 2.04 -5.32
C ILE A 455 -7.18 2.82 -6.51
N ASP A 456 -6.23 2.20 -7.20
CA ASP A 456 -5.39 2.96 -8.15
C ASP A 456 -6.22 3.57 -9.26
N PHE A 457 -7.30 2.92 -9.64
CA PHE A 457 -8.20 3.44 -10.68
C PHE A 457 -8.89 4.71 -10.17
N HIS A 458 -9.17 4.77 -8.86
CA HIS A 458 -9.82 5.94 -8.31
C HIS A 458 -8.82 7.11 -8.21
N LEU A 459 -7.60 6.80 -7.78
CA LEU A 459 -6.54 7.80 -7.77
C LEU A 459 -6.42 8.39 -9.16
N GLU A 460 -6.39 7.54 -10.18
CA GLU A 460 -6.23 7.98 -11.57
C GLU A 460 -7.35 8.93 -11.93
N GLY A 461 -8.54 8.67 -11.39
CA GLY A 461 -9.72 9.50 -11.60
C GLY A 461 -9.76 10.76 -10.78
N GLY A 462 -8.71 11.05 -10.03
CA GLY A 462 -8.57 12.30 -9.34
C GLY A 462 -8.90 12.28 -7.87
N PHE A 463 -9.01 11.09 -7.28
CA PHE A 463 -9.43 10.99 -5.87
C PHE A 463 -8.27 11.18 -4.88
N ALA A 464 -7.79 12.41 -4.86
CA ALA A 464 -6.55 12.75 -4.18
C ALA A 464 -6.49 14.24 -3.83
N VAL A 465 -5.74 14.54 -2.79
CA VAL A 465 -5.33 15.91 -2.42
C VAL A 465 -3.89 15.84 -1.94
N VAL A 466 -3.28 17.00 -1.79
CA VAL A 466 -1.97 17.11 -1.26
C VAL A 466 -1.96 17.86 0.04
N MET A 467 -1.32 17.30 1.06
CA MET A 467 -1.06 17.98 2.32
C MET A 467 0.32 18.62 2.28
N ALA A 468 0.35 19.92 2.19
CA ALA A 468 1.60 20.69 2.10
C ALA A 468 1.96 21.15 3.49
N GLU A 469 2.83 20.38 4.12
CA GLU A 469 3.15 20.48 5.52
C GLU A 469 4.38 21.37 5.76
N ASP A 470 4.24 22.39 6.57
CA ASP A 470 5.33 23.29 6.95
C ASP A 470 6.11 23.79 5.76
N THR A 471 5.41 24.42 4.82
CA THR A 471 6.03 24.84 3.56
C THR A 471 7.27 25.74 3.69
N PRO A 472 7.29 26.66 4.67
CA PRO A 472 8.51 27.49 4.73
C PRO A 472 9.79 26.76 5.10
N ASP A 473 9.69 25.54 5.63
CA ASP A 473 10.88 24.77 6.02
C ASP A 473 11.20 23.64 5.03
N VAL A 474 10.35 23.43 4.02
CA VAL A 474 10.54 22.29 3.12
C VAL A 474 11.87 22.30 2.39
N LYS A 475 12.32 23.45 1.90
CA LYS A 475 13.58 23.48 1.20
C LYS A 475 14.78 23.18 2.08
N ALA A 476 14.81 23.77 3.27
CA ALA A 476 15.93 23.54 4.18
C ALA A 476 15.97 22.10 4.67
N VAL A 477 14.79 21.53 4.92
CA VAL A 477 14.72 20.22 5.51
C VAL A 477 14.96 19.11 4.48
N ASN A 478 14.66 19.36 3.21
CA ASN A 478 14.73 18.34 2.16
C ASN A 478 15.67 18.71 1.02
N PRO A 479 16.99 18.79 1.34
CA PRO A 479 17.91 19.08 0.25
C PRO A 479 17.83 18.03 -0.85
N VAL A 480 17.86 18.46 -2.09
CA VAL A 480 17.60 17.57 -3.21
C VAL A 480 18.89 17.27 -3.97
N PRO A 481 19.09 16.03 -4.35
CA PRO A 481 20.27 15.69 -5.10
C PRO A 481 20.17 16.12 -6.53
N GLN A 482 21.32 16.34 -7.18
CA GLN A 482 21.30 16.78 -8.56
C GLN A 482 20.50 15.87 -9.46
N ALA A 483 20.56 14.56 -9.20
CA ALA A 483 19.83 13.61 -10.02
C ALA A 483 18.31 13.92 -9.97
N TRP A 484 17.82 14.32 -8.81
CA TRP A 484 16.41 14.69 -8.69
C TRP A 484 16.11 15.93 -9.51
N SER A 485 17.00 16.93 -9.40
CA SER A 485 16.86 18.16 -10.16
C SER A 485 16.84 17.95 -11.67
N ASP A 486 17.48 16.88 -12.11
CA ASP A 486 17.54 16.56 -13.53
C ASP A 486 16.33 15.83 -14.07
N LEU A 487 15.47 15.32 -13.19
CA LEU A 487 14.34 14.51 -13.61
C LEU A 487 13.37 15.29 -14.48
N CYS A 488 13.00 16.50 -14.04
CA CYS A 488 11.98 17.22 -14.79
C CYS A 488 12.43 17.67 -16.16
N PRO A 489 13.67 18.21 -16.29
CA PRO A 489 14.07 18.55 -17.66
C PRO A 489 14.09 17.32 -18.58
N THR A 490 14.61 16.19 -18.09
CA THR A 490 14.69 15.01 -18.93
C THR A 490 13.31 14.53 -19.35
N TYR A 491 12.39 14.48 -18.39
CA TYR A 491 11.05 14.02 -18.66
C TYR A 491 10.33 14.95 -19.59
N ASP A 492 10.48 16.25 -19.33
CA ASP A 492 9.80 17.25 -20.16
C ASP A 492 10.31 17.29 -21.61
N ALA A 493 11.53 16.80 -21.84
CA ALA A 493 12.18 16.74 -23.16
C ALA A 493 11.78 15.49 -23.91
N LEU A 494 11.04 14.58 -23.26
CA LEU A 494 10.61 13.39 -23.93
C LEU A 494 9.52 13.67 -24.95
N ASP A 495 9.59 12.98 -26.08
CA ASP A 495 8.42 12.86 -26.98
C ASP A 495 7.28 12.24 -26.16
N PRO A 496 6.05 12.75 -26.28
CA PRO A 496 4.89 12.17 -25.59
C PRO A 496 4.74 10.66 -25.72
N ASN A 497 5.08 10.11 -26.88
CA ASN A 497 4.97 8.67 -27.12
C ASN A 497 6.07 7.87 -26.42
N ASP A 498 7.06 8.57 -25.85
CA ASP A 498 8.10 7.95 -25.04
C ASP A 498 7.86 8.08 -23.53
N GLN A 499 6.74 8.67 -23.13
CA GLN A 499 6.37 8.78 -21.72
C GLN A 499 5.90 7.44 -21.14
#